data_4S0N
#
_entry.id   4S0N
#
_cell.length_a   61.026
_cell.length_b   74.211
_cell.length_c   66.180
_cell.angle_alpha   90.00
_cell.angle_beta   113.68
_cell.angle_gamma   90.00
#
_symmetry.space_group_name_H-M   'P 1 21 1'
#
loop_
_entity.id
_entity.type
_entity.pdbx_description
1 polymer 'Helicase-like transcription factor'
2 polymer "5'-D(*TP*TP*TP*TP*TP*TP*TP*TP*TP*T)-3'"
3 non-polymer "THYMIDINE-5'-PHOSPHATE"
4 non-polymer GLYCEROL
5 non-polymer 'SODIUM ION'
6 water water
#
loop_
_entity_poly.entity_id
_entity_poly.type
_entity_poly.pdbx_seq_one_letter_code
_entity_poly.pdbx_strand_id
1 'polypeptide(L)'
;GPGSVDSVLFGSLRGHVVGLRYYTGVVNNNEMVALQRDPNNPYDKNAIKVNNVNGNQVGHLKKELAGALAYIMDNKLAQI
EGVVPFGANNAFTMPLHMTFWGKEENRKAVSDQLKKHGFKLGPAPKTLGF
;
A,B,C,D
2 'polydeoxyribonucleotide' (DT)(DT)(DT)(DT)(DT)(DT)(DT)(DT)(DT)(DT) E,F,G,H
#
# COMPACT_ATOMS: atom_id res chain seq x y z
N ASP A 6 15.62 -13.29 17.71
CA ASP A 6 14.34 -13.84 18.15
C ASP A 6 13.15 -13.06 17.58
N SER A 7 13.43 -11.93 16.94
CA SER A 7 12.37 -11.07 16.42
CA SER A 7 12.37 -11.08 16.42
C SER A 7 11.94 -11.50 15.03
N VAL A 8 10.63 -11.50 14.81
CA VAL A 8 10.04 -11.90 13.54
C VAL A 8 9.20 -10.75 12.96
N LEU A 9 8.94 -10.83 11.66
CA LEU A 9 8.17 -9.80 10.98
C LEU A 9 6.68 -9.89 11.31
N PHE A 10 6.10 -8.79 11.77
CA PHE A 10 4.67 -8.74 12.06
C PHE A 10 3.86 -8.09 10.93
N GLY A 11 4.51 -7.28 10.10
CA GLY A 11 3.83 -6.52 9.07
C GLY A 11 4.13 -5.05 9.12
N SER A 12 3.37 -4.26 8.35
CA SER A 12 3.64 -2.84 8.23
C SER A 12 2.38 -1.99 8.38
N LEU A 13 2.59 -0.71 8.69
CA LEU A 13 1.56 0.32 8.71
C LEU A 13 2.07 1.53 7.97
N ARG A 14 1.15 2.33 7.46
CA ARG A 14 1.52 3.62 6.88
C ARG A 14 0.89 4.77 7.67
N GLY A 15 1.54 5.92 7.64
CA GLY A 15 1.04 7.10 8.31
C GLY A 15 1.73 8.34 7.81
N HIS A 16 1.65 9.42 8.57
CA HIS A 16 2.30 10.67 8.20
C HIS A 16 2.99 11.29 9.39
N VAL A 17 4.14 11.90 9.14
CA VAL A 17 4.79 12.74 10.15
C VAL A 17 4.16 14.12 10.06
N VAL A 18 3.80 14.70 11.19
CA VAL A 18 3.15 16.01 11.20
C VAL A 18 3.89 17.00 12.08
N GLY A 19 3.45 18.26 12.07
CA GLY A 19 4.12 19.31 12.81
C GLY A 19 5.47 19.70 12.24
N LEU A 20 5.71 19.43 10.96
CA LEU A 20 7.01 19.70 10.35
C LEU A 20 7.47 21.15 10.50
N ARG A 21 6.53 22.08 10.46
CA ARG A 21 6.90 23.50 10.51
C ARG A 21 7.48 23.91 11.86
N TYR A 22 7.32 23.08 12.88
CA TYR A 22 7.79 23.43 14.21
C TYR A 22 9.19 22.89 14.55
N TYR A 23 9.81 22.16 13.61
CA TYR A 23 11.12 21.53 13.83
C TYR A 23 12.05 21.81 12.66
N THR A 24 13.33 21.55 12.84
CA THR A 24 14.31 21.90 11.81
C THR A 24 14.99 20.70 11.18
N GLY A 25 14.66 19.50 11.66
CA GLY A 25 15.26 18.30 11.08
C GLY A 25 14.85 18.07 9.64
N VAL A 26 15.82 17.77 8.78
CA VAL A 26 15.51 17.45 7.38
CA VAL A 26 15.59 17.47 7.37
C VAL A 26 15.71 15.96 7.10
N VAL A 27 14.97 15.46 6.11
CA VAL A 27 15.01 14.07 5.70
C VAL A 27 15.19 14.00 4.19
N ASN A 28 15.94 12.98 3.72
CA ASN A 28 16.04 12.67 2.30
C ASN A 28 15.00 11.61 1.92
N ASN A 29 14.63 11.52 0.64
CA ASN A 29 13.75 10.43 0.26
C ASN A 29 14.46 9.08 0.47
N ASN A 30 13.69 8.07 0.87
CA ASN A 30 14.20 6.72 1.12
C ASN A 30 15.15 6.63 2.28
N GLU A 31 14.95 7.48 3.26
CA GLU A 31 15.81 7.52 4.43
C GLU A 31 15.09 6.98 5.64
N MET A 32 15.83 6.27 6.49
CA MET A 32 15.31 5.83 7.77
C MET A 32 15.07 7.03 8.67
N VAL A 33 14.07 6.91 9.54
CA VAL A 33 13.86 7.84 10.61
C VAL A 33 13.66 7.07 11.91
N ALA A 34 13.90 7.73 13.04
CA ALA A 34 13.75 7.10 14.35
C ALA A 34 12.47 7.55 15.04
N LEU A 35 11.74 6.60 15.60
CA LEU A 35 10.60 6.91 16.46
C LEU A 35 11.06 6.94 17.90
N GLN A 36 10.70 8.00 18.62
CA GLN A 36 11.14 8.16 20.00
C GLN A 36 10.03 8.68 20.89
N ARG A 37 9.67 7.95 21.94
CA ARG A 37 8.60 8.38 22.81
C ARG A 37 8.95 9.65 23.58
N ASP A 38 7.93 10.49 23.76
CA ASP A 38 8.03 11.67 24.62
C ASP A 38 6.91 11.62 25.66
N PRO A 39 7.08 10.77 26.69
CA PRO A 39 5.99 10.53 27.65
C PRO A 39 5.63 11.72 28.51
N ASN A 40 6.52 12.71 28.59
CA ASN A 40 6.26 13.88 29.42
C ASN A 40 5.86 15.11 28.60
N ASN A 41 5.52 14.87 27.34
CA ASN A 41 4.97 15.90 26.47
C ASN A 41 3.78 16.57 27.16
N PRO A 42 3.81 17.89 27.30
CA PRO A 42 2.73 18.54 28.06
C PRO A 42 1.38 18.55 27.37
N TYR A 43 1.31 18.16 26.09
CA TYR A 43 0.04 18.18 25.37
C TYR A 43 -0.54 16.81 25.11
N ASP A 44 0.32 15.79 25.11
CA ASP A 44 -0.10 14.43 24.79
C ASP A 44 0.89 13.44 25.36
N LYS A 45 0.50 12.74 26.43
CA LYS A 45 1.38 11.76 27.06
C LYS A 45 1.79 10.62 26.12
N ASN A 46 1.02 10.42 25.03
CA ASN A 46 1.32 9.37 24.06
C ASN A 46 2.28 9.80 22.97
N ALA A 47 2.80 11.04 23.05
CA ALA A 47 3.56 11.61 21.93
C ALA A 47 4.71 10.72 21.47
N ILE A 48 4.87 10.64 20.15
CA ILE A 48 6.00 9.95 19.56
C ILE A 48 6.69 10.89 18.59
N LYS A 49 7.93 11.24 18.91
CA LYS A 49 8.76 12.08 18.05
C LYS A 49 9.27 11.29 16.87
N VAL A 50 9.48 11.97 15.75
CA VAL A 50 10.20 11.38 14.64
C VAL A 50 11.47 12.17 14.45
N ASN A 51 12.60 11.50 14.54
CA ASN A 51 13.92 12.12 14.40
C ASN A 51 14.62 11.63 13.14
N ASN A 52 15.49 12.45 12.57
CA ASN A 52 16.22 12.00 11.40
C ASN A 52 17.47 11.20 11.84
N VAL A 53 18.26 10.75 10.87
CA VAL A 53 19.39 9.90 11.19
CA VAL A 53 19.43 9.93 11.13
C VAL A 53 20.42 10.64 12.05
N ASN A 54 20.48 11.96 11.95
CA ASN A 54 21.42 12.72 12.78
CA ASN A 54 21.39 12.76 12.77
C ASN A 54 20.84 13.12 14.15
N GLY A 55 19.61 12.72 14.44
CA GLY A 55 19.05 12.96 15.75
C GLY A 55 18.25 14.24 15.91
N ASN A 56 18.17 15.03 14.84
CA ASN A 56 17.38 16.24 14.87
C ASN A 56 15.90 15.90 14.65
N GLN A 57 15.02 16.46 15.46
CA GLN A 57 13.60 16.15 15.33
C GLN A 57 13.02 16.68 14.02
N VAL A 58 12.22 15.85 13.37
CA VAL A 58 11.53 16.18 12.13
C VAL A 58 10.08 16.59 12.40
N GLY A 59 9.43 15.85 13.30
CA GLY A 59 8.04 16.11 13.65
C GLY A 59 7.54 15.11 14.67
N HIS A 60 6.22 14.88 14.64
CA HIS A 60 5.56 13.91 15.52
C HIS A 60 4.71 12.96 14.68
N LEU A 61 4.45 11.77 15.23
CA LEU A 61 3.35 10.99 14.68
C LEU A 61 2.01 11.69 14.98
N LYS A 62 1.04 11.54 14.08
CA LYS A 62 -0.31 12.07 14.36
C LYS A 62 -0.80 11.49 15.67
N LYS A 63 -1.55 12.30 16.42
CA LYS A 63 -1.95 11.87 17.76
C LYS A 63 -2.76 10.56 17.73
N GLU A 64 -3.54 10.31 16.68
CA GLU A 64 -4.34 9.09 16.63
C GLU A 64 -3.45 7.86 16.45
N LEU A 65 -2.39 8.02 15.69
CA LEU A 65 -1.43 6.94 15.50
C LEU A 65 -0.61 6.75 16.79
N ALA A 66 -0.13 7.83 17.39
CA ALA A 66 0.61 7.74 18.65
C ALA A 66 -0.24 7.10 19.73
N GLY A 67 -1.54 7.40 19.71
CA GLY A 67 -2.47 6.82 20.68
C GLY A 67 -2.51 5.31 20.61
N ALA A 68 -2.28 4.76 19.43
CA ALA A 68 -2.22 3.31 19.26
C ALA A 68 -0.84 2.75 19.58
N LEU A 69 0.23 3.45 19.18
CA LEU A 69 1.56 2.86 19.24
C LEU A 69 2.27 3.02 20.59
N ALA A 70 1.88 4.00 21.38
CA ALA A 70 2.62 4.29 22.62
C ALA A 70 2.69 3.07 23.52
N TYR A 71 1.58 2.36 23.65
CA TYR A 71 1.52 1.18 24.50
C TYR A 71 2.50 0.11 24.02
N ILE A 72 2.58 -0.03 22.70
CA ILE A 72 3.43 -1.02 22.09
C ILE A 72 4.90 -0.70 22.36
N MET A 73 5.27 0.57 22.21
CA MET A 73 6.63 0.99 22.48
C MET A 73 6.98 0.91 23.96
N ASP A 74 6.08 1.41 24.81
CA ASP A 74 6.33 1.45 26.25
C ASP A 74 6.51 0.06 26.86
N ASN A 75 5.79 -0.92 26.31
CA ASN A 75 5.89 -2.27 26.83
C ASN A 75 6.79 -3.17 26.00
N LYS A 76 7.54 -2.56 25.08
CA LYS A 76 8.53 -3.26 24.27
C LYS A 76 7.95 -4.47 23.56
N LEU A 77 6.74 -4.32 23.03
CA LEU A 77 6.04 -5.42 22.37
C LEU A 77 6.49 -5.58 20.92
N ALA A 78 6.97 -4.49 20.33
CA ALA A 78 7.50 -4.54 18.98
C ALA A 78 8.57 -3.48 18.81
N GLN A 79 9.48 -3.74 17.89
CA GLN A 79 10.42 -2.74 17.40
C GLN A 79 9.83 -2.20 16.11
N ILE A 80 9.84 -0.88 15.96
CA ILE A 80 9.20 -0.25 14.83
C ILE A 80 10.24 0.51 14.02
N GLU A 81 10.41 0.08 12.77
CA GLU A 81 11.35 0.71 11.85
C GLU A 81 10.62 1.69 10.95
N GLY A 82 11.08 2.93 10.90
CA GLY A 82 10.43 3.93 10.07
C GLY A 82 11.28 4.34 8.87
N VAL A 83 10.64 4.50 7.72
N VAL A 83 10.62 4.49 7.73
CA VAL A 83 11.32 5.04 6.55
CA VAL A 83 11.25 4.98 6.50
C VAL A 83 10.39 6.00 5.83
C VAL A 83 10.36 6.03 5.85
N VAL A 84 10.97 7.06 5.28
CA VAL A 84 10.22 8.04 4.52
C VAL A 84 10.45 7.74 3.04
N PRO A 85 9.42 7.19 2.37
CA PRO A 85 9.62 6.66 1.02
C PRO A 85 9.59 7.74 -0.04
N PHE A 86 8.92 8.84 0.27
CA PHE A 86 8.75 9.96 -0.66
C PHE A 86 8.15 11.13 0.11
N GLY A 87 8.09 12.28 -0.53
CA GLY A 87 7.48 13.45 0.07
C GLY A 87 8.29 14.03 1.20
N ALA A 88 9.60 13.76 1.19
CA ALA A 88 10.47 14.23 2.25
C ALA A 88 10.54 15.75 2.30
N ASN A 89 10.23 16.41 1.18
CA ASN A 89 10.30 17.86 1.12
C ASN A 89 8.95 18.56 1.30
N ASN A 90 7.96 17.79 1.78
CA ASN A 90 6.64 18.33 2.07
C ASN A 90 6.65 19.38 3.19
N ALA A 91 5.74 20.34 3.12
CA ALA A 91 5.72 21.46 4.05
C ALA A 91 5.03 21.15 5.36
N PHE A 92 3.97 20.35 5.32
CA PHE A 92 3.14 20.16 6.50
C PHE A 92 3.13 18.72 7.00
N THR A 93 3.01 17.76 6.09
CA THR A 93 3.08 16.35 6.48
C THR A 93 3.92 15.50 5.53
N MET A 94 4.50 14.44 6.07
CA MET A 94 5.49 13.62 5.40
C MET A 94 5.06 12.15 5.48
N PRO A 95 4.95 11.45 4.33
CA PRO A 95 4.62 10.03 4.36
C PRO A 95 5.62 9.20 5.16
N LEU A 96 5.11 8.22 5.90
CA LEU A 96 5.93 7.35 6.74
C LEU A 96 5.49 5.89 6.57
N HIS A 97 6.46 5.00 6.35
CA HIS A 97 6.23 3.57 6.30
C HIS A 97 6.86 2.94 7.53
N MET A 98 6.07 2.16 8.27
CA MET A 98 6.54 1.53 9.50
C MET A 98 6.49 0.03 9.41
N THR A 99 7.62 -0.61 9.73
CA THR A 99 7.68 -2.07 9.74
C THR A 99 7.84 -2.55 11.18
N PHE A 100 7.02 -3.52 11.57
CA PHE A 100 6.97 -3.99 12.96
C PHE A 100 7.63 -5.35 13.08
N TRP A 101 8.49 -5.48 14.09
CA TRP A 101 9.22 -6.70 14.40
C TRP A 101 9.04 -7.04 15.86
N GLY A 102 8.94 -8.33 16.19
CA GLY A 102 8.91 -8.70 17.59
C GLY A 102 8.94 -10.20 17.80
N LYS A 103 8.76 -10.62 19.05
CA LYS A 103 8.73 -12.04 19.39
C LYS A 103 7.36 -12.63 19.05
N GLU A 104 7.33 -13.88 18.59
CA GLU A 104 6.03 -14.50 18.31
C GLU A 104 5.12 -14.45 19.52
N GLU A 105 5.66 -14.60 20.72
CA GLU A 105 4.83 -14.54 21.93
C GLU A 105 4.08 -13.21 22.09
N ASN A 106 4.57 -12.15 21.44
CA ASN A 106 3.94 -10.84 21.54
C ASN A 106 3.12 -10.44 20.32
N ARG A 107 3.07 -11.29 19.31
CA ARG A 107 2.36 -10.96 18.08
C ARG A 107 0.89 -10.62 18.37
N LYS A 108 0.21 -11.45 19.16
CA LYS A 108 -1.18 -11.20 19.46
C LYS A 108 -1.41 -9.89 20.22
N ALA A 109 -0.58 -9.63 21.23
CA ALA A 109 -0.74 -8.39 22.01
C ALA A 109 -0.59 -7.16 21.12
N VAL A 110 0.34 -7.22 20.17
CA VAL A 110 0.51 -6.11 19.24
C VAL A 110 -0.73 -5.94 18.36
N SER A 111 -1.22 -7.03 17.77
CA SER A 111 -2.39 -6.91 16.91
CA SER A 111 -2.39 -6.93 16.91
CA SER A 111 -2.40 -6.98 16.92
C SER A 111 -3.63 -6.52 17.70
N ASP A 112 -3.75 -6.99 18.95
CA ASP A 112 -4.89 -6.60 19.80
C ASP A 112 -4.89 -5.10 20.10
N GLN A 113 -3.72 -4.56 20.43
CA GLN A 113 -3.61 -3.15 20.72
C GLN A 113 -3.92 -2.32 19.49
N LEU A 114 -3.38 -2.74 18.35
CA LEU A 114 -3.65 -2.02 17.11
C LEU A 114 -5.15 -2.07 16.78
N LYS A 115 -5.78 -3.24 16.98
CA LYS A 115 -7.18 -3.42 16.63
C LYS A 115 -8.10 -2.48 17.43
N LYS A 116 -7.79 -2.26 18.70
CA LYS A 116 -8.56 -1.32 19.53
C LYS A 116 -8.68 0.01 18.81
N HIS A 117 -7.61 0.39 18.10
CA HIS A 117 -7.58 1.68 17.43
C HIS A 117 -7.91 1.63 15.96
N GLY A 118 -8.32 0.46 15.46
CA GLY A 118 -8.72 0.31 14.08
C GLY A 118 -7.59 -0.05 13.13
N PHE A 119 -6.37 -0.21 13.64
CA PHE A 119 -5.23 -0.56 12.78
C PHE A 119 -5.07 -2.05 12.62
N LYS A 120 -4.63 -2.45 11.43
CA LYS A 120 -4.28 -3.85 11.15
C LYS A 120 -3.00 -3.88 10.32
N LEU A 121 -1.99 -4.55 10.83
CA LEU A 121 -0.73 -4.68 10.09
C LEU A 121 -0.99 -5.40 8.77
N GLY A 122 -0.29 -4.94 7.74
CA GLY A 122 -0.44 -5.54 6.43
C GLY A 122 0.90 -5.92 5.84
N PRO A 123 0.88 -6.36 4.57
CA PRO A 123 2.05 -6.90 3.92
C PRO A 123 2.76 -5.94 2.97
N ALA A 124 2.45 -4.65 3.02
CA ALA A 124 3.07 -3.71 2.08
C ALA A 124 4.54 -3.52 2.43
N PRO A 125 5.42 -3.67 1.42
CA PRO A 125 6.86 -3.43 1.65
C PRO A 125 7.25 -1.96 1.66
N LYS A 126 8.49 -1.69 2.04
CA LYS A 126 9.03 -0.33 1.97
C LYS A 126 9.02 0.21 0.55
N THR A 127 9.19 -0.68 -0.43
CA THR A 127 9.19 -0.27 -1.82
C THR A 127 8.45 -1.27 -2.71
N ASP B 6 -24.20 1.17 -11.27
CA ASP B 6 -24.56 -0.21 -10.97
C ASP B 6 -23.32 -1.04 -10.61
N SER B 7 -22.16 -0.60 -11.10
CA SER B 7 -20.91 -1.27 -10.77
CA SER B 7 -20.90 -1.28 -10.78
C SER B 7 -20.50 -0.97 -9.33
N VAL B 8 -19.89 -1.95 -8.68
CA VAL B 8 -19.42 -1.78 -7.31
C VAL B 8 -17.90 -1.93 -7.24
N LEU B 9 -17.32 -1.40 -6.17
CA LEU B 9 -15.87 -1.46 -5.96
C LEU B 9 -15.39 -2.86 -5.59
N PHE B 10 -14.38 -3.36 -6.31
CA PHE B 10 -13.79 -4.67 -6.01
C PHE B 10 -12.48 -4.55 -5.25
N GLY B 11 -11.79 -3.42 -5.40
CA GLY B 11 -10.49 -3.23 -4.78
C GLY B 11 -9.45 -2.72 -5.75
N SER B 12 -8.19 -2.69 -5.31
CA SER B 12 -7.12 -2.15 -6.12
C SER B 12 -5.92 -3.10 -6.25
N LEU B 13 -5.10 -2.83 -7.26
CA LEU B 13 -3.84 -3.52 -7.50
C LEU B 13 -2.79 -2.48 -7.85
N ARG B 14 -1.53 -2.77 -7.54
CA ARG B 14 -0.44 -1.92 -8.02
C ARG B 14 0.45 -2.68 -9.00
N GLY B 15 1.04 -1.95 -9.94
CA GLY B 15 1.95 -2.56 -10.89
C GLY B 15 2.76 -1.47 -11.55
N HIS B 16 3.31 -1.78 -12.71
CA HIS B 16 4.13 -0.83 -13.46
C HIS B 16 3.78 -0.79 -14.93
N VAL B 17 3.91 0.40 -15.50
CA VAL B 17 3.90 0.56 -16.93
C VAL B 17 5.35 0.39 -17.36
N VAL B 18 5.59 -0.46 -18.35
CA VAL B 18 6.94 -0.73 -18.80
C VAL B 18 7.11 -0.39 -20.27
N GLY B 19 8.35 -0.40 -20.74
CA GLY B 19 8.65 -0.12 -22.14
C GLY B 19 8.49 1.33 -22.52
N LEU B 20 8.49 2.22 -21.52
CA LEU B 20 8.33 3.65 -21.77
C LEU B 20 9.30 4.18 -22.83
N ARG B 21 10.51 3.68 -22.85
CA ARG B 21 11.50 4.25 -23.74
C ARG B 21 11.21 3.94 -25.21
N TYR B 22 10.21 3.11 -25.46
CA TYR B 22 9.84 2.78 -26.84
C TYR B 22 8.65 3.59 -27.38
N TYR B 23 8.09 4.48 -26.55
CA TYR B 23 6.88 5.24 -26.90
C TYR B 23 7.04 6.71 -26.57
N THR B 24 6.18 7.57 -27.12
CA THR B 24 6.36 9.01 -26.92
C THR B 24 5.33 9.66 -26.00
N GLY B 25 4.30 8.90 -25.62
CA GLY B 25 3.25 9.44 -24.77
C GLY B 25 3.74 9.90 -23.41
N VAL B 26 3.30 11.07 -23.00
CA VAL B 26 3.68 11.63 -21.70
C VAL B 26 2.52 11.54 -20.72
N VAL B 27 2.84 11.27 -19.45
CA VAL B 27 1.89 11.30 -18.36
C VAL B 27 2.39 12.28 -17.31
N ASN B 28 1.50 13.04 -16.69
CA ASN B 28 1.84 13.84 -15.52
C ASN B 28 1.43 13.12 -14.23
N ASN B 29 2.04 13.49 -13.11
CA ASN B 29 1.68 12.87 -11.84
C ASN B 29 0.20 13.10 -11.53
N ASN B 30 -0.42 12.05 -10.99
CA ASN B 30 -1.83 12.04 -10.61
CA ASN B 30 -1.84 11.99 -10.63
C ASN B 30 -2.77 12.06 -11.83
N GLU B 31 -2.24 11.83 -13.03
CA GLU B 31 -3.08 11.74 -14.21
C GLU B 31 -3.64 10.34 -14.37
N MET B 32 -4.87 10.26 -14.86
CA MET B 32 -5.42 8.98 -15.27
C MET B 32 -4.73 8.51 -16.55
N VAL B 33 -4.73 7.19 -16.75
CA VAL B 33 -4.29 6.62 -18.00
C VAL B 33 -5.37 5.65 -18.46
N ALA B 34 -5.33 5.28 -19.73
CA ALA B 34 -6.27 4.31 -20.25
C ALA B 34 -5.59 2.98 -20.55
N LEU B 35 -6.23 1.89 -20.14
CA LEU B 35 -5.78 0.56 -20.49
C LEU B 35 -6.53 0.10 -21.73
N GLN B 36 -5.79 -0.35 -22.73
CA GLN B 36 -6.40 -0.77 -23.99
C GLN B 36 -5.82 -2.10 -24.45
N ARG B 37 -6.67 -3.11 -24.58
CA ARG B 37 -6.21 -4.41 -25.05
C ARG B 37 -5.67 -4.32 -26.48
N ASP B 38 -4.60 -5.06 -26.74
CA ASP B 38 -4.08 -5.22 -28.09
C ASP B 38 -3.90 -6.70 -28.39
N PRO B 39 -5.01 -7.40 -28.70
CA PRO B 39 -4.93 -8.85 -28.93
C PRO B 39 -4.12 -9.22 -30.17
N ASN B 40 -3.84 -8.25 -31.04
CA ASN B 40 -3.05 -8.51 -32.25
C ASN B 40 -1.57 -8.22 -32.09
N ASN B 41 -1.14 -7.89 -30.88
CA ASN B 41 0.29 -7.71 -30.62
C ASN B 41 1.03 -9.00 -30.93
N PRO B 42 2.02 -8.94 -31.84
CA PRO B 42 2.64 -10.20 -32.28
C PRO B 42 3.60 -10.80 -31.26
N TYR B 43 3.92 -10.07 -30.19
CA TYR B 43 4.79 -10.60 -29.14
C TYR B 43 4.00 -11.22 -27.99
N ASP B 44 2.75 -10.79 -27.82
CA ASP B 44 1.95 -11.22 -26.67
C ASP B 44 0.48 -10.93 -26.94
N LYS B 45 -0.30 -11.98 -27.20
CA LYS B 45 -1.74 -11.84 -27.43
C LYS B 45 -2.47 -11.23 -26.24
N ASN B 46 -1.87 -11.27 -25.05
CA ASN B 46 -2.47 -10.69 -23.85
C ASN B 46 -2.15 -9.21 -23.64
N ALA B 47 -1.44 -8.61 -24.59
CA ALA B 47 -0.89 -7.26 -24.40
C ALA B 47 -1.96 -6.25 -23.98
N ILE B 48 -1.59 -5.39 -23.04
CA ILE B 48 -2.45 -4.29 -22.65
C ILE B 48 -1.63 -3.01 -22.75
N LYS B 49 -2.00 -2.18 -23.72
CA LYS B 49 -1.38 -0.87 -23.89
C LYS B 49 -1.81 0.05 -22.77
N VAL B 50 -0.92 0.97 -22.42
CA VAL B 50 -1.29 2.06 -21.53
C VAL B 50 -1.19 3.35 -22.32
N ASN B 51 -2.32 4.03 -22.49
CA ASN B 51 -2.38 5.29 -23.23
C ASN B 51 -2.60 6.46 -22.29
N ASN B 52 -2.16 7.64 -22.72
CA ASN B 52 -2.38 8.81 -21.88
C ASN B 52 -3.74 9.45 -22.19
N VAL B 53 -4.02 10.57 -21.53
CA VAL B 53 -5.29 11.27 -21.69
C VAL B 53 -5.59 11.66 -23.13
N ASN B 54 -4.55 11.79 -23.95
CA ASN B 54 -4.73 12.18 -25.34
C ASN B 54 -4.82 10.99 -26.30
N GLY B 55 -4.70 9.78 -25.77
CA GLY B 55 -4.80 8.58 -26.59
C GLY B 55 -3.47 8.07 -27.12
N ASN B 56 -2.39 8.73 -26.73
CA ASN B 56 -1.05 8.37 -27.17
C ASN B 56 -0.47 7.28 -26.27
N GLN B 57 0.12 6.24 -26.86
CA GLN B 57 0.66 5.15 -26.08
C GLN B 57 1.85 5.61 -25.24
N VAL B 58 1.84 5.21 -23.97
CA VAL B 58 2.87 5.50 -23.00
C VAL B 58 3.80 4.28 -22.81
N GLY B 59 3.19 3.10 -22.76
CA GLY B 59 3.92 1.86 -22.58
C GLY B 59 2.95 0.68 -22.58
N HIS B 60 3.38 -0.42 -21.97
CA HIS B 60 2.54 -1.61 -21.79
C HIS B 60 2.48 -1.99 -20.33
N LEU B 61 1.45 -2.73 -19.94
CA LEU B 61 1.49 -3.41 -18.65
C LEU B 61 2.55 -4.52 -18.71
N LYS B 62 3.21 -4.79 -17.59
CA LYS B 62 4.15 -5.91 -17.53
CA LYS B 62 4.17 -5.90 -17.53
C LYS B 62 3.45 -7.17 -17.99
N LYS B 63 4.17 -8.03 -18.71
CA LYS B 63 3.54 -9.22 -19.29
C LYS B 63 2.90 -10.14 -18.24
N GLU B 64 3.47 -10.23 -17.04
CA GLU B 64 2.86 -11.09 -16.03
C GLU B 64 1.51 -10.53 -15.55
N LEU B 65 1.41 -9.20 -15.47
CA LEU B 65 0.16 -8.55 -15.09
C LEU B 65 -0.86 -8.63 -16.22
N ALA B 66 -0.41 -8.36 -17.46
CA ALA B 66 -1.30 -8.51 -18.62
C ALA B 66 -1.84 -9.93 -18.74
N GLY B 67 -1.00 -10.92 -18.38
CA GLY B 67 -1.39 -12.31 -18.42
C GLY B 67 -2.58 -12.61 -17.52
N ALA B 68 -2.69 -11.85 -16.45
CA ALA B 68 -3.81 -11.99 -15.52
C ALA B 68 -5.02 -11.17 -15.98
N LEU B 69 -4.77 -9.94 -16.44
CA LEU B 69 -5.88 -9.01 -16.68
C LEU B 69 -6.56 -9.16 -18.03
N ALA B 70 -5.89 -9.73 -19.03
CA ALA B 70 -6.48 -9.78 -20.36
C ALA B 70 -7.84 -10.50 -20.32
N TYR B 71 -7.91 -11.59 -19.58
CA TYR B 71 -9.15 -12.36 -19.45
C TYR B 71 -10.27 -11.52 -18.84
N ILE B 72 -9.92 -10.72 -17.84
CA ILE B 72 -10.87 -9.88 -17.15
C ILE B 72 -11.40 -8.81 -18.09
N MET B 73 -10.52 -8.18 -18.86
CA MET B 73 -10.95 -7.16 -19.81
C MET B 73 -11.77 -7.76 -20.97
N ASP B 74 -11.29 -8.87 -21.52
CA ASP B 74 -11.94 -9.48 -22.67
C ASP B 74 -13.37 -9.95 -22.35
N ASN B 75 -13.59 -10.42 -21.12
CA ASN B 75 -14.91 -10.89 -20.73
C ASN B 75 -15.73 -9.84 -19.99
N LYS B 76 -15.19 -8.62 -19.94
CA LYS B 76 -15.85 -7.48 -19.29
C LYS B 76 -16.26 -7.82 -17.86
N LEU B 77 -15.37 -8.51 -17.15
CA LEU B 77 -15.66 -8.87 -15.77
C LEU B 77 -15.43 -7.71 -14.82
N ALA B 78 -14.59 -6.77 -15.22
CA ALA B 78 -14.36 -5.57 -14.42
C ALA B 78 -13.95 -4.43 -15.32
N GLN B 79 -14.26 -3.23 -14.88
CA GLN B 79 -13.70 -2.01 -15.44
C GLN B 79 -12.52 -1.60 -14.59
N ILE B 80 -11.41 -1.27 -15.27
CA ILE B 80 -10.16 -1.00 -14.56
C ILE B 80 -9.73 0.43 -14.80
N GLU B 81 -9.60 1.18 -13.71
CA GLU B 81 -9.22 2.58 -13.75
C GLU B 81 -7.77 2.70 -13.34
N GLY B 82 -6.96 3.31 -14.18
CA GLY B 82 -5.55 3.46 -13.88
C GLY B 82 -5.17 4.89 -13.58
N VAL B 83 -4.33 5.08 -12.57
CA VAL B 83 -3.78 6.39 -12.27
C VAL B 83 -2.30 6.24 -11.95
N VAL B 84 -1.51 7.26 -12.30
CA VAL B 84 -0.08 7.22 -12.01
C VAL B 84 0.14 8.10 -10.80
N PRO B 85 0.41 7.47 -9.65
CA PRO B 85 0.43 8.21 -8.38
C PRO B 85 1.73 8.98 -8.14
N PHE B 86 2.81 8.57 -8.79
CA PHE B 86 4.11 9.23 -8.68
C PHE B 86 5.03 8.63 -9.74
N GLY B 87 6.17 9.27 -9.98
CA GLY B 87 7.14 8.78 -10.94
C GLY B 87 6.68 8.86 -12.39
N ALA B 88 5.75 9.77 -12.68
CA ALA B 88 5.27 9.95 -14.05
C ALA B 88 6.39 10.42 -14.99
N ASN B 89 7.45 11.00 -14.45
CA ASN B 89 8.53 11.49 -15.30
C ASN B 89 9.66 10.49 -15.47
N ASN B 90 9.46 9.26 -15.00
CA ASN B 90 10.50 8.23 -15.15
C ASN B 90 10.74 7.89 -16.62
N ALA B 91 11.97 7.53 -16.97
CA ALA B 91 12.29 7.23 -18.36
C ALA B 91 11.98 5.79 -18.78
N PHE B 92 11.91 4.87 -17.83
CA PHE B 92 11.85 3.44 -18.18
C PHE B 92 10.61 2.71 -17.71
N THR B 93 10.24 2.95 -16.46
CA THR B 93 9.06 2.33 -15.88
C THR B 93 8.34 3.32 -15.00
N MET B 94 7.04 3.13 -14.87
CA MET B 94 6.18 4.08 -14.17
C MET B 94 5.22 3.31 -13.25
N PRO B 95 5.10 3.74 -11.98
CA PRO B 95 4.13 3.12 -11.08
C PRO B 95 2.70 3.32 -11.55
N LEU B 96 1.87 2.31 -11.32
CA LEU B 96 0.48 2.37 -11.72
C LEU B 96 -0.40 1.86 -10.58
N HIS B 97 -1.46 2.61 -10.28
CA HIS B 97 -2.47 2.18 -9.32
C HIS B 97 -3.75 1.89 -10.09
N MET B 98 -4.26 0.67 -9.92
CA MET B 98 -5.46 0.22 -10.65
C MET B 98 -6.62 -0.02 -9.70
N THR B 99 -7.78 0.56 -10.01
CA THR B 99 -8.97 0.33 -9.21
C THR B 99 -9.97 -0.46 -10.06
N PHE B 100 -10.51 -1.52 -9.48
CA PHE B 100 -11.39 -2.46 -10.18
C PHE B 100 -12.84 -2.26 -9.76
N TRP B 101 -13.71 -2.15 -10.75
CA TRP B 101 -15.16 -2.01 -10.56
C TRP B 101 -15.90 -3.06 -11.35
N GLY B 102 -17.01 -3.56 -10.83
CA GLY B 102 -17.81 -4.48 -11.61
C GLY B 102 -19.13 -4.84 -10.97
N LYS B 103 -19.88 -5.71 -11.63
CA LYS B 103 -21.13 -6.20 -11.06
C LYS B 103 -20.83 -7.19 -9.96
N GLU B 104 -21.63 -7.15 -8.89
CA GLU B 104 -21.38 -7.98 -7.73
C GLU B 104 -21.28 -9.46 -8.13
N GLU B 105 -22.06 -9.89 -9.11
CA GLU B 105 -22.04 -11.28 -9.55
C GLU B 105 -20.73 -11.72 -10.19
N ASN B 106 -19.91 -10.75 -10.59
CA ASN B 106 -18.61 -11.04 -11.20
C ASN B 106 -17.43 -10.95 -10.23
N ARG B 107 -17.71 -10.61 -8.97
CA ARG B 107 -16.62 -10.39 -8.02
C ARG B 107 -15.76 -11.65 -7.84
N LYS B 108 -16.40 -12.81 -7.69
CA LYS B 108 -15.63 -14.03 -7.49
C LYS B 108 -14.81 -14.39 -8.73
N ALA B 109 -15.41 -14.23 -9.90
CA ALA B 109 -14.69 -14.56 -11.13
C ALA B 109 -13.42 -13.71 -11.28
N VAL B 110 -13.51 -12.44 -10.92
CA VAL B 110 -12.35 -11.56 -10.99
C VAL B 110 -11.29 -12.03 -10.02
N SER B 111 -11.68 -12.29 -8.78
N SER B 111 -11.70 -12.26 -8.77
CA SER B 111 -10.71 -12.74 -7.78
CA SER B 111 -10.79 -12.70 -7.72
C SER B 111 -10.10 -14.10 -8.13
C SER B 111 -10.09 -14.01 -8.09
N ASP B 112 -10.92 -15.00 -8.69
N ASP B 112 -10.85 -14.93 -8.68
CA ASP B 112 -10.39 -16.29 -9.12
CA ASP B 112 -10.30 -16.23 -9.04
C ASP B 112 -9.33 -16.15 -10.19
C ASP B 112 -9.31 -16.12 -10.20
N GLN B 113 -9.61 -15.29 -11.18
CA GLN B 113 -8.70 -15.10 -12.30
C GLN B 113 -7.39 -14.48 -11.80
N LEU B 114 -7.51 -13.48 -10.93
CA LEU B 114 -6.31 -12.87 -10.36
C LEU B 114 -5.52 -13.89 -9.55
N LYS B 115 -6.21 -14.68 -8.75
CA LYS B 115 -5.55 -15.65 -7.86
C LYS B 115 -4.73 -16.67 -8.65
N LYS B 116 -5.23 -17.09 -9.81
CA LYS B 116 -4.49 -18.04 -10.65
C LYS B 116 -3.10 -17.52 -10.98
N HIS B 117 -2.97 -16.20 -11.05
CA HIS B 117 -1.70 -15.55 -11.37
C HIS B 117 -0.98 -14.95 -10.16
N GLY B 118 -1.51 -15.23 -8.96
CA GLY B 118 -0.86 -14.77 -7.74
C GLY B 118 -1.31 -13.41 -7.24
N PHE B 119 -2.24 -12.77 -7.96
CA PHE B 119 -2.71 -11.45 -7.58
C PHE B 119 -3.91 -11.51 -6.65
N LYS B 120 -4.01 -10.52 -5.77
CA LYS B 120 -5.17 -10.36 -4.92
C LYS B 120 -5.49 -8.88 -4.75
N LEU B 121 -6.71 -8.48 -5.12
CA LEU B 121 -7.16 -7.11 -4.89
C LEU B 121 -7.10 -6.75 -3.40
N GLY B 122 -6.70 -5.51 -3.13
CA GLY B 122 -6.63 -5.04 -1.76
C GLY B 122 -7.35 -3.72 -1.58
N PRO B 123 -7.26 -3.15 -0.39
CA PRO B 123 -8.01 -1.95 -0.04
C PRO B 123 -7.22 -0.66 -0.17
N ALA B 124 -6.05 -0.68 -0.81
CA ALA B 124 -5.24 0.53 -0.89
C ALA B 124 -5.90 1.58 -1.80
N PRO B 125 -6.05 2.80 -1.29
CA PRO B 125 -6.65 3.86 -2.11
C PRO B 125 -5.65 4.47 -3.09
N LYS B 126 -6.16 5.28 -4.01
CA LYS B 126 -5.31 6.05 -4.92
C LYS B 126 -4.38 6.94 -4.12
N THR B 127 -4.89 7.49 -3.02
CA THR B 127 -4.06 8.29 -2.12
C THR B 127 -4.49 8.11 -0.66
N LEU B 128 -3.52 8.15 0.24
CA LEU B 128 -3.82 8.09 1.67
C LEU B 128 -4.12 9.48 2.21
N GLY B 129 -4.09 10.47 1.34
CA GLY B 129 -4.31 11.85 1.73
C GLY B 129 -3.04 12.45 2.32
N PHE B 130 -3.21 13.39 3.23
CA PHE B 130 -2.07 14.02 3.89
C PHE B 130 -2.19 13.92 5.41
N GLY C 1 15.41 -8.35 9.80
CA GLY C 1 15.14 -7.71 11.06
C GLY C 1 15.13 -6.21 10.93
N PRO C 2 14.85 -5.50 12.04
CA PRO C 2 14.86 -4.03 12.03
C PRO C 2 16.26 -3.49 11.81
N GLY C 3 16.39 -2.50 10.93
CA GLY C 3 17.70 -1.93 10.63
C GLY C 3 17.97 -0.70 11.48
N SER C 4 19.25 -0.40 11.67
CA SER C 4 19.62 0.82 12.38
C SER C 4 19.19 2.05 11.60
N VAL C 5 19.03 3.18 12.29
CA VAL C 5 18.60 4.39 11.63
C VAL C 5 19.65 4.88 10.61
N ASP C 6 20.91 4.44 10.75
CA ASP C 6 21.91 4.85 9.77
C ASP C 6 22.07 3.81 8.66
N SER C 7 21.16 2.85 8.60
CA SER C 7 21.15 1.90 7.49
C SER C 7 20.84 2.61 6.18
N VAL C 8 21.55 2.22 5.13
CA VAL C 8 21.31 2.76 3.81
C VAL C 8 21.11 1.63 2.80
N LEU C 9 20.63 1.99 1.63
CA LEU C 9 20.34 1.03 0.57
C LEU C 9 21.63 0.50 -0.06
N PHE C 10 21.79 -0.82 -0.11
CA PHE C 10 22.94 -1.44 -0.78
C PHE C 10 22.63 -1.82 -2.22
N GLY C 11 21.40 -2.27 -2.46
CA GLY C 11 21.05 -2.75 -3.78
C GLY C 11 20.01 -3.84 -3.72
N SER C 12 19.78 -4.49 -4.86
CA SER C 12 18.75 -5.51 -4.98
CA SER C 12 18.74 -5.50 -5.01
C SER C 12 19.29 -6.80 -5.58
N LEU C 13 18.58 -7.89 -5.35
CA LEU C 13 18.96 -9.17 -5.88
C LEU C 13 17.69 -9.96 -6.19
N ARG C 14 17.68 -10.62 -7.34
CA ARG C 14 16.56 -11.50 -7.69
C ARG C 14 16.90 -12.94 -7.37
N GLY C 15 15.95 -13.65 -6.78
CA GLY C 15 16.13 -15.06 -6.50
C GLY C 15 14.81 -15.78 -6.52
N HIS C 16 14.74 -16.90 -5.81
CA HIS C 16 13.57 -17.75 -5.86
C HIS C 16 13.27 -18.37 -4.51
N VAL C 17 11.98 -18.48 -4.22
CA VAL C 17 11.51 -19.29 -3.10
C VAL C 17 11.19 -20.68 -3.64
N VAL C 18 11.75 -21.70 -3.00
CA VAL C 18 11.55 -23.08 -3.43
C VAL C 18 10.89 -23.93 -2.34
N GLY C 19 10.56 -25.17 -2.68
CA GLY C 19 9.91 -26.08 -1.74
C GLY C 19 8.44 -25.77 -1.47
N LEU C 20 7.82 -24.99 -2.34
CA LEU C 20 6.43 -24.54 -2.10
C LEU C 20 5.45 -25.68 -1.87
N ARG C 21 5.68 -26.83 -2.50
CA ARG C 21 4.69 -27.91 -2.40
C ARG C 21 4.60 -28.49 -0.99
N TYR C 22 5.62 -28.22 -0.17
CA TYR C 22 5.69 -28.78 1.18
C TYR C 22 5.16 -27.86 2.29
N TYR C 23 4.77 -26.64 1.93
CA TYR C 23 4.28 -25.67 2.91
C TYR C 23 2.94 -25.10 2.48
N THR C 24 2.26 -24.40 3.38
CA THR C 24 0.93 -23.88 3.02
C THR C 24 0.79 -22.39 3.24
N GLY C 25 1.88 -21.73 3.61
CA GLY C 25 1.84 -20.29 3.80
C GLY C 25 1.45 -19.62 2.50
N VAL C 26 0.43 -18.78 2.53
CA VAL C 26 -0.05 -18.10 1.34
C VAL C 26 0.59 -16.73 1.21
N VAL C 27 0.99 -16.39 0.00
CA VAL C 27 1.49 -15.06 -0.26
C VAL C 27 0.83 -14.61 -1.57
N ASN C 28 0.67 -13.30 -1.72
CA ASN C 28 0.17 -12.70 -2.96
C ASN C 28 1.22 -11.79 -3.55
N ASN C 29 1.11 -11.55 -4.86
CA ASN C 29 2.04 -10.66 -5.52
C ASN C 29 2.06 -9.28 -4.85
N ASN C 30 3.24 -8.69 -4.80
CA ASN C 30 3.53 -7.38 -4.17
C ASN C 30 3.56 -7.39 -2.65
N GLU C 31 3.48 -8.57 -2.04
CA GLU C 31 3.56 -8.65 -0.58
C GLU C 31 5.00 -8.87 -0.10
N MET C 32 5.32 -8.25 1.03
CA MET C 32 6.48 -8.61 1.84
C MET C 32 6.48 -10.06 2.25
N VAL C 33 7.67 -10.65 2.28
CA VAL C 33 7.87 -11.90 2.99
C VAL C 33 9.06 -11.73 3.94
N ALA C 34 9.13 -12.59 4.94
CA ALA C 34 10.23 -12.56 5.89
C ALA C 34 11.26 -13.63 5.58
N LEU C 35 12.53 -13.25 5.65
CA LEU C 35 13.63 -14.21 5.57
C LEU C 35 14.06 -14.54 6.99
N GLN C 36 14.12 -15.83 7.30
CA GLN C 36 14.41 -16.26 8.66
C GLN C 36 15.37 -17.45 8.65
N ARG C 37 16.53 -17.25 9.27
CA ARG C 37 17.53 -18.31 9.33
C ARG C 37 17.03 -19.53 10.10
N ASP C 38 17.43 -20.71 9.63
CA ASP C 38 17.13 -21.96 10.32
C ASP C 38 18.40 -22.79 10.42
N PRO C 39 19.30 -22.41 11.33
CA PRO C 39 20.60 -23.08 11.45
C PRO C 39 20.49 -24.55 11.85
N ASN C 40 19.36 -24.94 12.44
CA ASN C 40 19.18 -26.32 12.89
C ASN C 40 18.55 -27.22 11.83
N ASN C 41 18.38 -26.69 10.62
CA ASN C 41 17.89 -27.52 9.52
C ASN C 41 18.86 -28.66 9.23
N PRO C 42 18.38 -29.91 9.40
CA PRO C 42 19.26 -31.08 9.27
C PRO C 42 19.72 -31.35 7.84
N TYR C 43 19.12 -30.67 6.86
CA TYR C 43 19.50 -30.87 5.47
C TYR C 43 20.48 -29.81 4.98
N ASP C 44 20.48 -28.66 5.65
CA ASP C 44 21.31 -27.53 5.25
C ASP C 44 21.42 -26.53 6.41
N LYS C 45 22.62 -26.42 6.96
CA LYS C 45 22.86 -25.50 8.08
C LYS C 45 22.66 -24.04 7.66
N ASN C 46 22.74 -23.78 6.36
CA ASN C 46 22.59 -22.42 5.84
C ASN C 46 21.16 -22.06 5.49
N ALA C 47 20.22 -22.95 5.80
CA ALA C 47 18.82 -22.79 5.40
C ALA C 47 18.21 -21.45 5.83
N ILE C 48 17.45 -20.86 4.90
CA ILE C 48 16.72 -19.63 5.17
C ILE C 48 15.26 -19.85 4.81
N LYS C 49 14.42 -19.86 5.83
CA LYS C 49 12.99 -19.95 5.62
C LYS C 49 12.44 -18.68 5.02
N VAL C 50 11.41 -18.82 4.21
CA VAL C 50 10.64 -17.67 3.76
C VAL C 50 9.25 -17.80 4.34
N ASN C 51 8.86 -16.82 5.16
CA ASN C 51 7.56 -16.82 5.84
C ASN C 51 6.69 -15.67 5.36
N ASN C 52 5.38 -15.82 5.43
CA ASN C 52 4.54 -14.65 5.15
C ASN C 52 4.43 -13.78 6.39
N VAL C 53 3.75 -12.64 6.28
CA VAL C 53 3.74 -11.71 7.40
CA VAL C 53 3.62 -11.66 7.34
C VAL C 53 2.97 -12.24 8.61
N ASN C 54 2.16 -13.28 8.43
CA ASN C 54 1.47 -13.88 9.58
C ASN C 54 2.28 -14.98 10.26
N GLY C 55 3.45 -15.27 9.71
CA GLY C 55 4.33 -16.25 10.33
C GLY C 55 4.36 -17.61 9.69
N ASN C 56 3.47 -17.85 8.73
CA ASN C 56 3.38 -19.17 8.10
C ASN C 56 4.45 -19.35 7.05
N GLN C 57 5.15 -20.47 7.11
CA GLN C 57 6.21 -20.73 6.13
C GLN C 57 5.66 -20.90 4.72
N VAL C 58 6.31 -20.23 3.76
CA VAL C 58 5.98 -20.33 2.35
C VAL C 58 6.89 -21.35 1.67
N GLY C 59 8.17 -21.30 2.01
CA GLY C 59 9.15 -22.21 1.45
C GLY C 59 10.53 -21.87 1.98
N HIS C 60 11.55 -22.16 1.18
CA HIS C 60 12.94 -21.87 1.54
C HIS C 60 13.59 -21.09 0.42
N LEU C 61 14.62 -20.31 0.75
CA LEU C 61 15.51 -19.81 -0.29
C LEU C 61 16.22 -20.98 -0.94
N LYS C 62 16.41 -20.90 -2.26
CA LYS C 62 17.19 -21.88 -3.01
C LYS C 62 18.54 -22.06 -2.33
N LYS C 63 18.97 -23.31 -2.14
CA LYS C 63 20.14 -23.59 -1.30
C LYS C 63 21.41 -22.86 -1.75
N GLU C 64 21.56 -22.64 -3.06
CA GLU C 64 22.73 -21.92 -3.57
C GLU C 64 22.79 -20.48 -3.09
N LEU C 65 21.62 -19.84 -3.04
CA LEU C 65 21.52 -18.47 -2.55
C LEU C 65 21.66 -18.43 -1.03
N ALA C 66 21.02 -19.40 -0.37
CA ALA C 66 21.14 -19.53 1.08
C ALA C 66 22.61 -19.67 1.49
N GLY C 67 23.38 -20.39 0.68
CA GLY C 67 24.79 -20.60 0.93
C GLY C 67 25.59 -19.32 0.93
N ALA C 68 25.06 -18.29 0.28
CA ALA C 68 25.73 -17.00 0.23
C ALA C 68 25.19 -16.06 1.31
N LEU C 69 23.87 -16.04 1.47
CA LEU C 69 23.22 -15.07 2.35
C LEU C 69 23.37 -15.41 3.82
N ALA C 70 23.61 -16.68 4.12
CA ALA C 70 23.64 -17.14 5.50
C ALA C 70 24.65 -16.36 6.32
N TYR C 71 25.84 -16.16 5.76
CA TYR C 71 26.91 -15.40 6.41
C TYR C 71 26.48 -13.96 6.68
N ILE C 72 25.80 -13.36 5.71
CA ILE C 72 25.39 -11.97 5.81
C ILE C 72 24.34 -11.77 6.90
N MET C 73 23.38 -12.68 6.97
CA MET C 73 22.37 -12.61 8.03
C MET C 73 22.97 -12.91 9.40
N ASP C 74 23.74 -13.99 9.49
CA ASP C 74 24.31 -14.42 10.77
C ASP C 74 25.19 -13.35 11.39
N ASN C 75 25.90 -12.60 10.56
CA ASN C 75 26.82 -11.56 11.07
C ASN C 75 26.23 -10.16 10.96
N LYS C 76 24.93 -10.08 10.66
CA LYS C 76 24.20 -8.82 10.67
C LYS C 76 24.86 -7.75 9.80
N LEU C 77 25.33 -8.14 8.62
CA LEU C 77 25.97 -7.21 7.71
C LEU C 77 24.95 -6.42 6.92
N ALA C 78 23.76 -6.99 6.76
CA ALA C 78 22.67 -6.32 6.08
C ALA C 78 21.35 -6.89 6.51
N GLN C 79 20.31 -6.06 6.46
CA GLN C 79 18.96 -6.54 6.61
CA GLN C 79 18.94 -6.51 6.61
C GLN C 79 18.39 -6.70 5.21
N ILE C 80 17.65 -7.79 5.00
CA ILE C 80 17.19 -8.14 3.68
C ILE C 80 15.67 -8.20 3.63
N GLU C 81 15.05 -7.34 2.83
CA GLU C 81 13.61 -7.34 2.68
C GLU C 81 13.23 -8.12 1.43
N GLY C 82 12.29 -9.06 1.58
CA GLY C 82 11.83 -9.83 0.46
C GLY C 82 10.45 -9.39 0.00
N VAL C 83 10.24 -9.37 -1.32
CA VAL C 83 8.92 -9.12 -1.91
C VAL C 83 8.70 -10.13 -3.02
N VAL C 84 7.50 -10.69 -3.12
CA VAL C 84 7.17 -11.57 -4.24
C VAL C 84 6.48 -10.74 -5.30
N PRO C 85 7.12 -10.56 -6.46
CA PRO C 85 6.52 -9.66 -7.45
C PRO C 85 5.44 -10.32 -8.28
N PHE C 86 5.66 -11.59 -8.64
CA PHE C 86 4.76 -12.34 -9.50
C PHE C 86 4.83 -13.80 -9.12
N GLY C 87 3.94 -14.61 -9.69
CA GLY C 87 4.03 -16.05 -9.50
C GLY C 87 3.70 -16.55 -8.10
N ALA C 88 2.99 -15.74 -7.31
CA ALA C 88 2.73 -16.13 -5.93
C ALA C 88 1.84 -17.37 -5.81
N ASN C 89 1.15 -17.74 -6.88
CA ASN C 89 0.32 -18.95 -6.89
C ASN C 89 1.03 -20.15 -7.53
N ASN C 90 2.32 -20.01 -7.82
CA ASN C 90 3.06 -21.10 -8.45
C ASN C 90 3.12 -22.35 -7.59
N ALA C 91 3.18 -23.52 -8.22
CA ALA C 91 3.14 -24.76 -7.48
C ALA C 91 4.47 -25.12 -6.81
N PHE C 92 5.60 -24.73 -7.40
CA PHE C 92 6.89 -25.30 -6.94
C PHE C 92 7.93 -24.26 -6.57
N THR C 93 8.02 -23.19 -7.36
CA THR C 93 8.95 -22.10 -7.08
C THR C 93 8.31 -20.78 -7.44
N MET C 94 8.71 -19.70 -6.77
CA MET C 94 8.23 -18.38 -7.14
C MET C 94 9.37 -17.38 -7.05
N PRO C 95 9.30 -16.33 -7.88
CA PRO C 95 10.38 -15.33 -7.85
C PRO C 95 10.34 -14.50 -6.57
N LEU C 96 11.52 -14.02 -6.20
CA LEU C 96 11.68 -13.20 -5.03
C LEU C 96 12.58 -12.01 -5.35
N HIS C 97 12.12 -10.82 -5.00
CA HIS C 97 12.94 -9.62 -5.10
CA HIS C 97 12.93 -9.61 -5.10
C HIS C 97 13.45 -9.24 -3.72
N MET C 98 14.77 -9.15 -3.58
CA MET C 98 15.40 -8.87 -2.30
C MET C 98 16.09 -7.54 -2.30
N THR C 99 15.86 -6.74 -1.27
CA THR C 99 16.50 -5.46 -1.12
CA THR C 99 16.53 -5.46 -1.13
C THR C 99 17.38 -5.47 0.12
N PHE C 100 18.62 -5.03 -0.02
CA PHE C 100 19.61 -5.07 1.04
C PHE C 100 19.83 -3.68 1.64
N TRP C 101 19.68 -3.58 2.96
CA TRP C 101 19.98 -2.35 3.69
C TRP C 101 21.05 -2.62 4.73
N GLY C 102 21.93 -1.66 4.97
CA GLY C 102 22.93 -1.82 6.01
C GLY C 102 23.76 -0.58 6.26
N LYS C 103 24.68 -0.68 7.21
CA LYS C 103 25.58 0.42 7.51
C LYS C 103 26.60 0.56 6.39
N GLU C 104 26.94 1.80 6.05
CA GLU C 104 27.90 2.09 4.99
C GLU C 104 29.18 1.25 5.10
N GLU C 105 29.65 1.09 6.33
CA GLU C 105 30.93 0.41 6.57
C GLU C 105 30.86 -1.08 6.25
N ASN C 106 29.65 -1.62 6.18
CA ASN C 106 29.46 -3.04 5.89
C ASN C 106 29.15 -3.32 4.43
N ARG C 107 29.10 -2.27 3.61
CA ARG C 107 28.70 -2.41 2.22
C ARG C 107 29.61 -3.34 1.43
N LYS C 108 30.91 -3.11 1.54
CA LYS C 108 31.89 -3.91 0.81
C LYS C 108 31.86 -5.38 1.25
N ALA C 109 31.73 -5.60 2.55
CA ALA C 109 31.71 -6.96 3.10
C ALA C 109 30.52 -7.77 2.54
N VAL C 110 29.39 -7.10 2.31
CA VAL C 110 28.23 -7.75 1.74
C VAL C 110 28.47 -8.09 0.28
N SER C 111 28.96 -7.12 -0.48
CA SER C 111 29.21 -7.29 -1.90
C SER C 111 30.27 -8.37 -2.16
N ASP C 112 31.27 -8.41 -1.29
CA ASP C 112 32.35 -9.39 -1.41
C ASP C 112 31.87 -10.81 -1.14
N GLN C 113 30.95 -10.96 -0.19
CA GLN C 113 30.40 -12.26 0.14
C GLN C 113 29.55 -12.80 -1.01
N LEU C 114 28.77 -11.91 -1.61
CA LEU C 114 27.96 -12.30 -2.76
C LEU C 114 28.83 -12.69 -3.96
N LYS C 115 29.89 -11.94 -4.20
CA LYS C 115 30.78 -12.22 -5.32
C LYS C 115 31.47 -13.58 -5.15
N LYS C 116 31.74 -13.94 -3.91
CA LYS C 116 32.37 -15.21 -3.59
C LYS C 116 31.54 -16.38 -4.10
N HIS C 117 30.21 -16.26 -3.95
CA HIS C 117 29.29 -17.30 -4.37
C HIS C 117 28.71 -17.05 -5.76
N GLY C 118 29.27 -16.07 -6.46
CA GLY C 118 28.83 -15.78 -7.81
C GLY C 118 27.57 -14.95 -7.92
N PHE C 119 27.31 -14.13 -6.91
CA PHE C 119 26.18 -13.20 -6.95
C PHE C 119 26.68 -11.76 -6.95
N LYS C 120 25.82 -10.85 -7.42
CA LYS C 120 26.13 -9.42 -7.38
C LYS C 120 24.85 -8.61 -7.24
N LEU C 121 24.85 -7.62 -6.34
CA LEU C 121 23.69 -6.76 -6.20
C LEU C 121 23.47 -5.94 -7.47
N GLY C 122 22.20 -5.71 -7.78
CA GLY C 122 21.82 -4.82 -8.84
C GLY C 122 21.49 -3.47 -8.25
N PRO C 123 21.17 -2.50 -9.11
CA PRO C 123 20.96 -1.09 -8.75
C PRO C 123 19.87 -0.88 -7.72
N ALA C 124 19.80 0.35 -7.21
CA ALA C 124 18.83 0.74 -6.19
C ALA C 124 17.39 0.41 -6.61
N GLY D 1 -17.74 4.98 -8.79
CA GLY D 1 -17.45 4.21 -9.99
C GLY D 1 -16.24 4.76 -10.74
N PRO D 2 -15.88 4.10 -11.85
CA PRO D 2 -14.72 4.50 -12.66
C PRO D 2 -14.91 5.86 -13.32
N GLY D 3 -13.87 6.69 -13.27
CA GLY D 3 -13.94 8.02 -13.84
C GLY D 3 -13.40 8.07 -15.26
N SER D 4 -13.71 9.15 -15.96
CA SER D 4 -13.20 9.33 -17.32
C SER D 4 -11.70 9.59 -17.28
N VAL D 5 -11.02 9.26 -18.38
CA VAL D 5 -9.58 9.39 -18.45
C VAL D 5 -9.12 10.84 -18.28
N ASP D 6 -10.01 11.79 -18.55
CA ASP D 6 -9.66 13.20 -18.39
C ASP D 6 -10.11 13.75 -17.04
N SER D 7 -10.40 12.85 -16.09
CA SER D 7 -10.76 13.27 -14.74
C SER D 7 -9.57 13.84 -14.00
N VAL D 8 -9.80 14.86 -13.19
CA VAL D 8 -8.75 15.48 -12.41
C VAL D 8 -9.16 15.56 -10.94
N LEU D 9 -8.19 15.72 -10.05
CA LEU D 9 -8.47 15.97 -8.64
C LEU D 9 -9.19 17.29 -8.45
N PHE D 10 -10.31 17.27 -7.72
CA PHE D 10 -11.00 18.50 -7.38
C PHE D 10 -10.50 18.99 -6.02
N GLY D 11 -10.38 18.06 -5.09
CA GLY D 11 -10.00 18.39 -3.74
C GLY D 11 -10.47 17.34 -2.76
N SER D 12 -10.37 17.66 -1.47
CA SER D 12 -10.66 16.69 -0.43
C SER D 12 -11.75 17.20 0.51
N LEU D 13 -12.29 16.29 1.31
CA LEU D 13 -13.31 16.59 2.32
C LEU D 13 -13.29 15.57 3.45
N ARG D 14 -13.42 16.02 4.70
CA ARG D 14 -13.52 15.11 5.83
C ARG D 14 -14.99 15.00 6.30
N GLY D 15 -15.40 13.80 6.68
CA GLY D 15 -16.76 13.53 7.16
C GLY D 15 -16.81 12.34 8.11
N HIS D 16 -17.97 11.70 8.25
CA HIS D 16 -18.15 10.58 9.17
C HIS D 16 -19.06 9.45 8.67
N VAL D 17 -18.68 8.21 8.99
CA VAL D 17 -19.54 7.04 8.77
C VAL D 17 -20.32 6.72 10.05
N VAL D 18 -21.63 6.56 9.93
CA VAL D 18 -22.47 6.31 11.11
C VAL D 18 -23.24 5.00 10.99
N GLY D 19 -23.96 4.65 12.06
CA GLY D 19 -24.77 3.45 12.09
C GLY D 19 -23.97 2.16 12.20
N LEU D 20 -22.72 2.27 12.66
CA LEU D 20 -21.83 1.12 12.71
C LEU D 20 -22.35 -0.07 13.50
N ARG D 21 -23.15 0.18 14.53
CA ARG D 21 -23.60 -0.91 15.38
C ARG D 21 -24.62 -1.82 14.69
N TYR D 22 -25.16 -1.39 13.55
CA TYR D 22 -26.22 -2.13 12.86
C TYR D 22 -25.71 -3.00 11.70
N TYR D 23 -24.39 -3.05 11.52
CA TYR D 23 -23.80 -3.80 10.41
C TYR D 23 -22.56 -4.56 10.87
N THR D 24 -22.23 -5.65 10.17
CA THR D 24 -21.11 -6.48 10.59
C THR D 24 -19.87 -6.35 9.71
N GLY D 25 -19.95 -5.53 8.66
CA GLY D 25 -18.79 -5.29 7.80
C GLY D 25 -17.64 -4.71 8.58
N VAL D 26 -16.43 -5.18 8.27
CA VAL D 26 -15.22 -4.73 8.96
C VAL D 26 -14.39 -3.85 8.04
N VAL D 27 -13.87 -2.76 8.58
CA VAL D 27 -12.90 -1.92 7.86
C VAL D 27 -11.72 -1.68 8.80
N ASN D 28 -10.54 -1.43 8.21
CA ASN D 28 -9.36 -1.07 8.97
C ASN D 28 -8.87 0.29 8.51
N ASN D 29 -8.10 0.97 9.36
CA ASN D 29 -7.55 2.27 9.02
C ASN D 29 -6.71 2.19 7.74
N ASN D 30 -6.78 3.27 6.96
CA ASN D 30 -6.09 3.43 5.67
C ASN D 30 -6.71 2.59 4.53
N GLU D 31 -7.84 1.93 4.79
CA GLU D 31 -8.54 1.23 3.73
C GLU D 31 -9.52 2.13 2.98
N MET D 32 -9.60 1.92 1.67
CA MET D 32 -10.73 2.38 0.88
C MET D 32 -12.03 1.86 1.41
N VAL D 33 -13.08 2.66 1.27
CA VAL D 33 -14.43 2.16 1.42
C VAL D 33 -15.21 2.57 0.18
N ALA D 34 -16.30 1.88 -0.09
CA ALA D 34 -17.15 2.21 -1.22
C ALA D 34 -18.31 3.08 -0.77
N LEU D 35 -18.58 4.16 -1.51
CA LEU D 35 -19.78 4.95 -1.30
C LEU D 35 -20.82 4.53 -2.32
N GLN D 36 -21.97 4.08 -1.84
CA GLN D 36 -22.98 3.52 -2.72
C GLN D 36 -24.33 4.15 -2.42
N ARG D 37 -24.90 4.84 -3.41
CA ARG D 37 -26.21 5.45 -3.23
C ARG D 37 -27.27 4.39 -3.01
N ASP D 38 -28.19 4.67 -2.10
CA ASP D 38 -29.32 3.78 -1.86
C ASP D 38 -30.62 4.60 -1.87
N PRO D 39 -31.08 4.94 -3.08
CA PRO D 39 -32.28 5.78 -3.22
C PRO D 39 -33.54 5.07 -2.72
N ASN D 40 -33.49 3.75 -2.65
CA ASN D 40 -34.64 2.96 -2.19
C ASN D 40 -34.74 2.89 -0.66
N ASN D 41 -33.84 3.58 0.04
CA ASN D 41 -33.85 3.61 1.50
C ASN D 41 -35.12 4.29 2.01
N PRO D 42 -35.91 3.56 2.80
CA PRO D 42 -37.21 4.03 3.31
C PRO D 42 -37.10 5.14 4.35
N TYR D 43 -35.88 5.54 4.72
CA TYR D 43 -35.71 6.58 5.73
C TYR D 43 -35.12 7.87 5.16
N ASP D 44 -34.36 7.75 4.07
CA ASP D 44 -33.69 8.89 3.47
C ASP D 44 -33.42 8.61 1.99
N LYS D 45 -33.99 9.42 1.11
CA LYS D 45 -33.82 9.22 -0.32
C LYS D 45 -32.41 9.58 -0.77
N ASN D 46 -31.68 10.30 0.06
CA ASN D 46 -30.32 10.70 -0.26
C ASN D 46 -29.29 9.75 0.35
N ALA D 47 -29.77 8.63 0.89
CA ALA D 47 -28.92 7.70 1.65
C ALA D 47 -27.72 7.22 0.85
N ILE D 48 -26.57 7.21 1.51
CA ILE D 48 -25.35 6.68 0.92
C ILE D 48 -24.75 5.63 1.85
N LYS D 49 -24.80 4.38 1.40
CA LYS D 49 -24.18 3.26 2.12
C LYS D 49 -22.67 3.36 2.06
N VAL D 50 -22.02 2.90 3.12
CA VAL D 50 -20.57 2.73 3.12
C VAL D 50 -20.25 1.25 3.26
N ASN D 51 -19.57 0.69 2.25
CA ASN D 51 -19.20 -0.71 2.27
C ASN D 51 -17.70 -0.85 2.32
N ASN D 52 -17.21 -1.98 2.83
CA ASN D 52 -15.78 -2.22 2.72
C ASN D 52 -15.47 -2.69 1.29
N VAL D 53 -14.19 -2.91 1.00
CA VAL D 53 -13.83 -3.22 -0.39
CA VAL D 53 -13.76 -3.25 -0.35
C VAL D 53 -14.36 -4.59 -0.81
N ASN D 54 -14.64 -5.48 0.14
CA ASN D 54 -15.25 -6.78 -0.18
C ASN D 54 -16.76 -6.70 -0.44
N GLY D 55 -17.34 -5.52 -0.21
CA GLY D 55 -18.73 -5.27 -0.49
C GLY D 55 -19.66 -5.41 0.71
N ASN D 56 -19.11 -5.71 1.88
CA ASN D 56 -19.91 -5.80 3.11
C ASN D 56 -20.25 -4.41 3.65
N GLN D 57 -21.52 -4.17 3.98
CA GLN D 57 -21.87 -2.85 4.50
C GLN D 57 -21.25 -2.60 5.89
N VAL D 58 -20.66 -1.42 6.04
CA VAL D 58 -20.08 -0.98 7.30
C VAL D 58 -21.02 0.00 8.02
N GLY D 59 -21.67 0.87 7.25
CA GLY D 59 -22.61 1.84 7.80
C GLY D 59 -23.18 2.75 6.74
N HIS D 60 -23.52 3.99 7.13
CA HIS D 60 -24.02 5.02 6.21
C HIS D 60 -23.24 6.32 6.38
N LEU D 61 -23.27 7.19 5.37
CA LEU D 61 -22.80 8.56 5.55
C LEU D 61 -23.76 9.31 6.46
N LYS D 62 -23.21 10.22 7.26
CA LYS D 62 -24.01 11.15 8.05
C LYS D 62 -25.01 11.85 7.12
N LYS D 63 -26.24 12.02 7.57
CA LYS D 63 -27.33 12.46 6.68
C LYS D 63 -27.13 13.86 6.10
N GLU D 64 -26.53 14.76 6.88
CA GLU D 64 -26.27 16.11 6.38
C GLU D 64 -25.25 16.10 5.26
N LEU D 65 -24.31 15.15 5.34
CA LEU D 65 -23.31 14.97 4.31
C LEU D 65 -23.96 14.36 3.08
N ALA D 66 -24.78 13.34 3.31
CA ALA D 66 -25.48 12.65 2.23
C ALA D 66 -26.35 13.64 1.47
N GLY D 67 -26.97 14.56 2.19
CA GLY D 67 -27.83 15.56 1.61
C GLY D 67 -27.10 16.47 0.64
N ALA D 68 -25.79 16.59 0.81
CA ALA D 68 -24.97 17.40 -0.09
C ALA D 68 -24.40 16.55 -1.24
N LEU D 69 -24.04 15.30 -0.94
CA LEU D 69 -23.34 14.46 -1.91
C LEU D 69 -24.25 13.70 -2.87
N ALA D 70 -25.48 13.43 -2.45
CA ALA D 70 -26.41 12.65 -3.26
C ALA D 70 -26.61 13.26 -4.66
N TYR D 71 -26.75 14.58 -4.71
CA TYR D 71 -26.92 15.29 -5.97
C TYR D 71 -25.69 15.12 -6.86
N ILE D 72 -24.51 15.25 -6.25
CA ILE D 72 -23.24 15.13 -6.97
C ILE D 72 -23.06 13.72 -7.54
N MET D 73 -23.48 12.71 -6.77
CA MET D 73 -23.36 11.32 -7.23
C MET D 73 -24.39 11.01 -8.31
N ASP D 74 -25.62 11.46 -8.11
CA ASP D 74 -26.71 11.16 -9.04
C ASP D 74 -26.50 11.80 -10.41
N ASN D 75 -25.95 13.01 -10.40
CA ASN D 75 -25.71 13.72 -11.65
C ASN D 75 -24.32 13.43 -12.18
N LYS D 76 -23.58 12.58 -11.46
CA LYS D 76 -22.25 12.15 -11.87
C LYS D 76 -21.32 13.35 -12.09
N LEU D 77 -21.42 14.34 -11.21
CA LEU D 77 -20.58 15.53 -11.30
C LEU D 77 -19.16 15.22 -10.84
N ALA D 78 -19.03 14.21 -10.00
CA ALA D 78 -17.73 13.80 -9.51
C ALA D 78 -17.76 12.37 -9.03
N GLN D 79 -16.60 11.73 -9.05
CA GLN D 79 -16.45 10.42 -8.43
CA GLN D 79 -16.43 10.42 -8.45
C GLN D 79 -15.78 10.63 -7.09
N ILE D 80 -16.28 9.95 -6.07
CA ILE D 80 -15.79 10.17 -4.72
C ILE D 80 -15.13 8.92 -4.18
N GLU D 81 -13.88 9.05 -3.74
CA GLU D 81 -13.18 7.93 -3.13
C GLU D 81 -13.14 8.16 -1.62
N GLY D 82 -13.57 7.17 -0.86
CA GLY D 82 -13.56 7.28 0.59
C GLY D 82 -12.43 6.44 1.18
N VAL D 83 -11.86 6.93 2.28
CA VAL D 83 -10.82 6.23 3.02
C VAL D 83 -11.06 6.46 4.49
N VAL D 84 -10.98 5.42 5.30
CA VAL D 84 -11.10 5.59 6.74
C VAL D 84 -9.70 5.74 7.33
N PRO D 85 -9.37 6.93 7.87
CA PRO D 85 -7.97 7.13 8.31
C PRO D 85 -7.71 6.60 9.72
N PHE D 86 -8.70 6.71 10.59
CA PHE D 86 -8.57 6.33 11.99
C PHE D 86 -9.92 5.86 12.50
N GLY D 87 -9.94 5.26 13.68
CA GLY D 87 -11.21 4.91 14.33
C GLY D 87 -11.98 3.78 13.68
N ALA D 88 -11.32 2.94 12.88
CA ALA D 88 -12.04 1.92 12.11
C ALA D 88 -12.69 0.86 13.00
N ASN D 89 -12.28 0.77 14.27
CA ASN D 89 -12.96 -0.18 15.15
C ASN D 89 -13.83 0.53 16.18
N ASN D 90 -14.25 1.75 15.86
CA ASN D 90 -15.13 2.51 16.78
C ASN D 90 -16.50 1.86 16.91
N ALA D 91 -17.19 2.15 18.00
CA ALA D 91 -18.46 1.50 18.26
C ALA D 91 -19.60 2.09 17.41
N PHE D 92 -19.60 3.41 17.20
CA PHE D 92 -20.80 4.04 16.65
C PHE D 92 -20.56 4.93 15.44
N THR D 93 -19.44 5.63 15.41
CA THR D 93 -19.09 6.50 14.27
CA THR D 93 -19.10 6.48 14.27
C THR D 93 -17.60 6.45 14.01
N MET D 94 -17.21 6.64 12.75
CA MET D 94 -15.79 6.73 12.43
C MET D 94 -15.57 7.82 11.40
N PRO D 95 -14.39 8.44 11.41
CA PRO D 95 -14.12 9.48 10.42
C PRO D 95 -13.89 8.89 9.03
N LEU D 96 -14.08 9.75 8.04
CA LEU D 96 -13.95 9.38 6.65
C LEU D 96 -13.28 10.52 5.88
N HIS D 97 -12.28 10.18 5.08
CA HIS D 97 -11.64 11.16 4.20
C HIS D 97 -12.11 10.91 2.79
N MET D 98 -12.57 11.95 2.11
CA MET D 98 -13.05 11.80 0.74
C MET D 98 -12.23 12.63 -0.24
N THR D 99 -11.90 12.04 -1.39
CA THR D 99 -11.28 12.80 -2.46
C THR D 99 -12.21 12.83 -3.66
N PHE D 100 -12.29 13.99 -4.31
CA PHE D 100 -13.21 14.20 -5.41
C PHE D 100 -12.47 14.26 -6.75
N TRP D 101 -12.92 13.44 -7.69
CA TRP D 101 -12.37 13.44 -9.04
C TRP D 101 -13.44 13.79 -10.05
N GLY D 102 -13.05 14.50 -11.11
CA GLY D 102 -14.01 14.79 -12.17
C GLY D 102 -13.44 15.63 -13.29
N LYS D 103 -14.28 15.96 -14.24
CA LYS D 103 -13.88 16.81 -15.35
C LYS D 103 -13.87 18.27 -14.90
N GLU D 104 -12.88 19.02 -15.38
CA GLU D 104 -12.74 20.43 -15.03
C GLU D 104 -14.00 21.23 -15.29
N GLU D 105 -14.79 20.79 -16.27
CA GLU D 105 -16.03 21.47 -16.65
CA GLU D 105 -16.03 21.47 -16.65
C GLU D 105 -17.09 21.38 -15.55
N ASN D 106 -16.85 20.53 -14.56
CA ASN D 106 -17.82 20.33 -13.48
C ASN D 106 -17.31 20.75 -12.10
N ARG D 107 -16.05 21.17 -12.02
CA ARG D 107 -15.44 21.53 -10.75
C ARG D 107 -16.21 22.62 -10.02
N LYS D 108 -16.72 23.58 -10.78
CA LYS D 108 -17.45 24.70 -10.20
C LYS D 108 -18.78 24.26 -9.60
N ALA D 109 -19.48 23.40 -10.32
CA ALA D 109 -20.79 22.91 -9.88
C ALA D 109 -20.68 22.09 -8.59
N VAL D 110 -19.56 21.38 -8.45
CA VAL D 110 -19.34 20.59 -7.24
C VAL D 110 -19.13 21.50 -6.03
N SER D 111 -18.24 22.49 -6.18
CA SER D 111 -17.93 23.40 -5.09
C SER D 111 -19.16 24.21 -4.67
N ASP D 112 -19.96 24.61 -5.64
CA ASP D 112 -21.17 25.38 -5.36
C ASP D 112 -22.21 24.53 -4.66
N GLN D 113 -22.21 23.23 -4.95
CA GLN D 113 -23.14 22.31 -4.30
C GLN D 113 -22.76 22.09 -2.84
N LEU D 114 -21.47 21.89 -2.59
CA LEU D 114 -20.97 21.72 -1.22
C LEU D 114 -21.16 22.99 -0.39
N LYS D 115 -20.86 24.14 -0.99
CA LYS D 115 -20.96 25.43 -0.31
C LYS D 115 -22.43 25.74 0.03
N LYS D 116 -23.33 25.20 -0.77
CA LYS D 116 -24.76 25.28 -0.50
C LYS D 116 -25.12 24.58 0.81
N HIS D 117 -24.35 23.56 1.16
CA HIS D 117 -24.62 22.80 2.38
C HIS D 117 -23.61 23.10 3.49
N GLY D 118 -22.82 24.16 3.31
CA GLY D 118 -21.85 24.56 4.31
C GLY D 118 -20.56 23.76 4.28
N PHE D 119 -20.38 22.97 3.23
CA PHE D 119 -19.14 22.23 3.04
C PHE D 119 -18.24 22.94 2.03
N LYS D 120 -16.97 22.56 1.99
CA LYS D 120 -16.06 23.08 0.96
C LYS D 120 -14.91 22.11 0.73
N LEU D 121 -14.39 22.09 -0.49
CA LEU D 121 -13.26 21.23 -0.81
C LEU D 121 -11.94 21.84 -0.34
N GLY D 122 -11.10 21.00 0.26
CA GLY D 122 -9.77 21.41 0.63
C GLY D 122 -8.79 20.89 -0.40
N PRO D 123 -7.49 21.05 -0.14
CA PRO D 123 -6.47 20.59 -1.09
C PRO D 123 -6.37 19.07 -1.20
N ALA D 124 -6.08 18.59 -2.39
CA ALA D 124 -5.72 17.19 -2.56
C ALA D 124 -4.20 17.10 -2.47
N PRO D 125 -3.66 15.93 -2.09
CA PRO D 125 -2.20 15.76 -2.03
C PRO D 125 -1.51 16.09 -3.35
N LYS D 126 -0.26 16.56 -3.26
CA LYS D 126 0.51 16.93 -4.43
C LYS D 126 0.75 15.74 -5.36
#